data_1MFI
#
_entry.id   1MFI
#
_cell.length_a   99.530
_cell.length_b   99.530
_cell.length_c   105.690
_cell.angle_alpha   90.00
_cell.angle_beta   90.00
_cell.angle_gamma   120.00
#
_symmetry.space_group_name_H-M   'H 3'
#
loop_
_entity.id
_entity.type
_entity.pdbx_description
1 polymer 'PROTEIN (MACROPHAGE MIGRATION INHIBITORY FACTOR)'
2 non-polymer 2-FLUORO-3-(4-HYDROXYPHENYL)-2E-PROPENEOATE
3 water water
#
_entity_poly.entity_id   1
_entity_poly.type   'polypeptide(L)'
_entity_poly.pdbx_seq_one_letter_code
;PMFIVNTNVPRASVPEGFLSELTQQLAQATGKPAQYIAVHVVPDQLMTFSGTNDPCALCSLHSIGKIGGAQNRNYSKLLC
GLLSDRLHISPDRVYINYYDMNAANVGWNGSTFA
;
_entity_poly.pdbx_strand_id   A,B,C
#
# COMPACT_ATOMS: atom_id res chain seq x y z
N PRO A 1 -2.91 11.23 11.02
CA PRO A 1 -1.96 10.28 10.43
C PRO A 1 -2.62 8.92 10.25
N MET A 2 -2.00 8.10 9.41
CA MET A 2 -2.49 6.74 9.26
C MET A 2 -1.29 5.75 9.35
N PHE A 3 -1.47 4.65 10.07
CA PHE A 3 -0.37 3.71 10.22
C PHE A 3 -0.83 2.34 9.75
N ILE A 4 -0.05 1.70 8.89
CA ILE A 4 -0.37 0.38 8.36
C ILE A 4 0.72 -0.64 8.70
N VAL A 5 0.33 -1.83 9.15
CA VAL A 5 1.30 -2.86 9.50
C VAL A 5 0.92 -4.08 8.71
N ASN A 6 1.85 -4.62 7.92
CA ASN A 6 1.60 -5.86 7.21
C ASN A 6 2.53 -6.89 7.81
N THR A 7 2.03 -8.07 8.17
CA THR A 7 2.87 -9.08 8.80
C THR A 7 2.46 -10.53 8.48
N ASN A 8 3.41 -11.46 8.56
CA ASN A 8 3.12 -12.88 8.33
C ASN A 8 2.74 -13.57 9.64
N VAL A 9 2.65 -12.84 10.75
CA VAL A 9 2.25 -13.44 12.03
C VAL A 9 0.75 -13.73 11.88
N PRO A 10 0.26 -14.88 12.40
CA PRO A 10 -1.18 -15.19 12.26
C PRO A 10 -2.13 -14.23 12.99
N ARG A 11 -3.34 -14.14 12.51
CA ARG A 11 -4.32 -13.27 13.13
C ARG A 11 -4.42 -13.46 14.62
N ALA A 12 -4.34 -14.73 15.06
CA ALA A 12 -4.47 -15.08 16.48
C ALA A 12 -3.39 -14.50 17.38
N SER A 13 -2.26 -14.14 16.79
CA SER A 13 -1.20 -13.59 17.63
C SER A 13 -1.30 -12.09 17.79
N VAL A 14 -2.33 -11.48 17.21
CA VAL A 14 -2.49 -10.02 17.32
C VAL A 14 -3.37 -9.82 18.56
N PRO A 15 -2.80 -9.27 19.67
CA PRO A 15 -3.56 -9.05 20.90
C PRO A 15 -4.83 -8.30 20.69
N GLU A 16 -5.79 -8.62 21.52
CA GLU A 16 -7.11 -8.02 21.46
C GLU A 16 -7.20 -6.48 21.37
N GLY A 17 -6.46 -5.74 22.18
CA GLY A 17 -6.61 -4.28 22.08
C GLY A 17 -5.44 -3.56 21.43
N PHE A 18 -4.71 -4.31 20.62
CA PHE A 18 -3.54 -3.79 19.96
C PHE A 18 -3.76 -2.55 19.10
N LEU A 19 -4.85 -2.48 18.34
CA LEU A 19 -5.06 -1.30 17.48
C LEU A 19 -5.32 -0.06 18.33
N SER A 20 -5.98 -0.27 19.46
CA SER A 20 -6.27 0.83 20.36
C SER A 20 -4.95 1.28 21.02
N GLU A 21 -4.10 0.32 21.35
CA GLU A 21 -2.83 0.66 21.94
C GLU A 21 -1.97 1.43 20.90
N LEU A 22 -2.01 1.01 19.65
CA LEU A 22 -1.23 1.68 18.63
C LEU A 22 -1.74 3.09 18.51
N THR A 23 -3.05 3.24 18.50
CA THR A 23 -3.64 4.57 18.36
C THR A 23 -3.12 5.48 19.49
N GLN A 24 -3.16 4.97 20.72
CA GLN A 24 -2.73 5.79 21.88
C GLN A 24 -1.27 6.14 21.79
N GLN A 25 -0.46 5.18 21.41
CA GLN A 25 0.97 5.40 21.32
C GLN A 25 1.32 6.39 20.24
N LEU A 26 0.62 6.34 19.12
CA LEU A 26 0.94 7.25 18.07
C LEU A 26 0.43 8.65 18.39
N ALA A 27 -0.66 8.74 19.14
CA ALA A 27 -1.17 10.07 19.46
C ALA A 27 -0.10 10.75 20.34
N GLN A 28 0.48 9.99 21.26
CA GLN A 28 1.51 10.56 22.14
C GLN A 28 2.80 10.92 21.38
N ALA A 29 3.23 10.02 20.49
CA ALA A 29 4.44 10.20 19.73
C ALA A 29 4.37 11.31 18.72
N THR A 30 3.30 11.38 17.94
CA THR A 30 3.14 12.45 16.95
C THR A 30 2.54 13.77 17.50
N GLY A 31 1.87 13.70 18.65
CA GLY A 31 1.24 14.89 19.19
C GLY A 31 -0.12 15.13 18.55
N LYS A 32 -0.56 14.22 17.66
CA LYS A 32 -1.87 14.38 17.02
C LYS A 32 -2.93 13.66 17.85
N PRO A 33 -4.07 14.34 18.16
CA PRO A 33 -5.12 13.68 18.96
C PRO A 33 -5.55 12.38 18.27
N ALA A 34 -5.87 11.36 19.07
CA ALA A 34 -6.28 10.05 18.58
C ALA A 34 -7.42 10.14 17.58
N GLN A 35 -8.23 11.18 17.76
CA GLN A 35 -9.38 11.46 16.88
C GLN A 35 -8.95 11.57 15.43
N TYR A 36 -7.70 11.91 15.16
CA TYR A 36 -7.19 12.02 13.76
C TYR A 36 -6.30 10.84 13.28
N ILE A 37 -6.30 9.74 14.04
CA ILE A 37 -5.46 8.62 13.72
C ILE A 37 -6.21 7.39 13.28
N ALA A 38 -5.77 6.83 12.15
CA ALA A 38 -6.37 5.62 11.63
C ALA A 38 -5.29 4.52 11.69
N VAL A 39 -5.64 3.29 12.08
CA VAL A 39 -4.65 2.22 12.13
C VAL A 39 -5.19 1.04 11.33
N HIS A 40 -4.31 0.29 10.65
CA HIS A 40 -4.69 -0.86 9.78
C HIS A 40 -3.63 -1.93 9.95
N VAL A 41 -4.06 -3.12 10.38
CA VAL A 41 -3.14 -4.22 10.59
C VAL A 41 -3.57 -5.37 9.71
N VAL A 42 -2.64 -5.93 8.96
CA VAL A 42 -2.92 -7.04 8.04
C VAL A 42 -2.02 -8.25 8.40
N PRO A 43 -2.53 -9.24 9.17
CA PRO A 43 -1.78 -10.44 9.57
C PRO A 43 -1.94 -11.56 8.54
N ASP A 44 -1.34 -12.72 8.80
CA ASP A 44 -1.45 -13.86 7.91
C ASP A 44 -0.89 -13.65 6.52
N GLN A 45 0.01 -12.68 6.34
CA GLN A 45 0.53 -12.41 5.03
C GLN A 45 1.63 -13.36 4.59
N LEU A 46 1.76 -13.51 3.29
CA LEU A 46 2.78 -14.33 2.68
C LEU A 46 3.92 -13.34 2.39
N MET A 47 4.98 -13.38 3.20
CA MET A 47 6.12 -12.46 3.05
C MET A 47 7.41 -13.11 3.46
N THR A 48 8.50 -12.56 2.95
CA THR A 48 9.82 -13.02 3.32
C THR A 48 10.63 -11.76 3.55
N PHE A 49 11.63 -11.88 4.40
CA PHE A 49 12.50 -10.76 4.70
C PHE A 49 13.85 -11.45 4.74
N SER A 50 14.84 -10.93 3.99
CA SER A 50 16.17 -11.54 4.00
C SER A 50 16.09 -12.99 3.52
N GLY A 51 15.08 -13.29 2.71
CA GLY A 51 14.94 -14.64 2.21
C GLY A 51 14.28 -15.66 3.11
N THR A 52 13.94 -15.31 4.33
CA THR A 52 13.27 -16.30 5.17
C THR A 52 11.84 -15.91 5.57
N ASN A 53 11.10 -16.91 6.03
CA ASN A 53 9.74 -16.67 6.43
C ASN A 53 9.57 -16.54 7.94
N ASP A 54 10.63 -16.30 8.71
CA ASP A 54 10.45 -16.08 10.14
C ASP A 54 9.55 -14.82 10.28
N PRO A 55 9.03 -14.56 11.49
CA PRO A 55 8.17 -13.37 11.63
C PRO A 55 8.83 -12.05 11.21
N CYS A 56 8.07 -11.21 10.50
CA CYS A 56 8.60 -9.93 10.00
C CYS A 56 7.38 -9.03 9.74
N ALA A 57 7.62 -7.73 9.50
CA ALA A 57 6.52 -6.80 9.23
C ALA A 57 7.00 -5.73 8.28
N LEU A 58 6.08 -5.21 7.46
CA LEU A 58 6.37 -4.11 6.55
C LEU A 58 5.28 -3.10 6.93
N CYS A 59 5.70 -1.91 7.36
CA CYS A 59 4.77 -0.86 7.81
C CYS A 59 4.89 0.46 7.07
N SER A 60 3.87 1.29 7.17
CA SER A 60 3.85 2.61 6.54
C SER A 60 3.26 3.59 7.56
N LEU A 61 3.84 4.77 7.67
CA LEU A 61 3.29 5.80 8.54
C LEU A 61 3.14 7.05 7.68
N HIS A 62 1.91 7.50 7.50
CA HIS A 62 1.64 8.70 6.71
C HIS A 62 1.15 9.77 7.71
N SER A 63 1.65 10.97 7.55
CA SER A 63 1.23 12.08 8.38
C SER A 63 1.32 13.40 7.60
N ILE A 64 0.48 14.36 8.00
CA ILE A 64 0.52 15.71 7.43
C ILE A 64 1.40 16.44 8.48
N GLY A 65 2.68 16.63 8.17
CA GLY A 65 3.56 17.22 9.15
C GLY A 65 3.97 16.18 10.22
N LYS A 66 4.83 16.59 11.16
CA LYS A 66 5.29 15.70 12.23
C LYS A 66 6.18 14.54 11.71
N ILE A 67 6.67 14.69 10.48
CA ILE A 67 7.49 13.68 9.83
C ILE A 67 8.80 14.32 9.41
N GLY A 68 9.90 13.63 9.70
CA GLY A 68 11.19 14.16 9.32
C GLY A 68 12.39 13.46 9.94
N GLY A 69 13.56 13.73 9.37
CA GLY A 69 14.78 13.15 9.84
C GLY A 69 14.95 12.60 11.24
N ALA A 70 15.30 13.46 12.19
CA ALA A 70 15.53 12.98 13.53
C ALA A 70 14.25 12.36 14.19
N GLN A 71 13.10 12.98 14.00
CA GLN A 71 11.88 12.45 14.57
C GLN A 71 11.55 11.00 14.11
N ASN A 72 11.84 10.68 12.84
CA ASN A 72 11.59 9.32 12.33
C ASN A 72 12.43 8.29 13.07
N ARG A 73 13.60 8.66 13.60
CA ARG A 73 14.37 7.69 14.35
C ARG A 73 13.58 7.33 15.62
N ASN A 74 12.95 8.34 16.20
CA ASN A 74 12.18 8.16 17.44
C ASN A 74 10.98 7.28 17.16
N TYR A 75 10.34 7.54 16.04
CA TYR A 75 9.20 6.74 15.71
C TYR A 75 9.65 5.31 15.54
N SER A 76 10.78 5.09 14.86
CA SER A 76 11.25 3.72 14.62
C SER A 76 11.54 2.95 15.89
N LYS A 77 12.14 3.62 16.88
CA LYS A 77 12.42 2.99 18.15
C LYS A 77 11.09 2.58 18.85
N LEU A 78 10.18 3.54 18.95
CA LEU A 78 8.90 3.27 19.57
C LEU A 78 8.17 2.11 18.88
N LEU A 79 7.97 2.24 17.57
CA LEU A 79 7.24 1.25 16.76
C LEU A 79 7.85 -0.14 16.78
N CYS A 80 9.16 -0.21 16.58
CA CYS A 80 9.80 -1.52 16.61
C CYS A 80 9.66 -2.13 18.01
N GLY A 81 9.73 -1.31 19.05
CA GLY A 81 9.61 -1.83 20.40
C GLY A 81 8.28 -2.53 20.60
N LEU A 82 7.22 -1.85 20.14
CA LEU A 82 5.85 -2.33 20.23
C LEU A 82 5.69 -3.63 19.45
N LEU A 83 6.17 -3.68 18.21
CA LEU A 83 5.99 -4.92 17.46
C LEU A 83 6.80 -6.07 18.07
N SER A 84 7.91 -5.73 18.66
CA SER A 84 8.70 -6.76 19.27
C SER A 84 7.95 -7.27 20.48
N ASP A 85 7.57 -6.37 21.37
CA ASP A 85 6.91 -6.72 22.59
C ASP A 85 5.59 -7.44 22.41
N ARG A 86 4.78 -6.91 21.53
CA ARG A 86 3.45 -7.44 21.28
C ARG A 86 3.30 -8.57 20.25
N LEU A 87 4.08 -8.52 19.19
CA LEU A 87 3.95 -9.55 18.17
C LEU A 87 5.16 -10.43 18.10
N HIS A 88 6.17 -10.10 18.90
CA HIS A 88 7.38 -10.92 18.94
C HIS A 88 8.13 -10.92 17.63
N ILE A 89 8.10 -9.76 16.97
CA ILE A 89 8.82 -9.61 15.71
C ILE A 89 10.16 -8.92 16.08
N SER A 90 11.25 -9.48 15.58
CA SER A 90 12.56 -8.91 15.83
C SER A 90 12.71 -7.59 15.06
N PRO A 91 13.24 -6.53 15.71
CA PRO A 91 13.43 -5.20 15.08
C PRO A 91 14.13 -5.21 13.74
N ASP A 92 15.07 -6.13 13.58
CA ASP A 92 15.78 -6.22 12.34
C ASP A 92 15.00 -6.94 11.26
N ARG A 93 13.73 -7.28 11.55
CA ARG A 93 12.87 -7.88 10.54
C ARG A 93 11.65 -7.00 10.38
N VAL A 94 11.85 -5.71 10.60
CA VAL A 94 10.79 -4.74 10.41
C VAL A 94 11.32 -3.57 9.53
N TYR A 95 10.53 -3.19 8.53
CA TYR A 95 10.80 -2.00 7.70
C TYR A 95 9.59 -1.09 7.94
N ILE A 96 9.82 0.23 8.07
CA ILE A 96 8.74 1.19 8.18
C ILE A 96 9.00 2.32 7.15
N ASN A 97 8.07 2.61 6.24
CA ASN A 97 8.25 3.67 5.26
C ASN A 97 7.55 4.89 5.84
N TYR A 98 8.22 6.04 5.84
CA TYR A 98 7.61 7.25 6.38
C TYR A 98 7.28 8.19 5.25
N TYR A 99 6.06 8.73 5.26
CA TYR A 99 5.61 9.67 4.24
C TYR A 99 5.06 10.99 4.82
N ASP A 100 5.57 12.13 4.37
CA ASP A 100 5.01 13.42 4.82
C ASP A 100 4.00 13.77 3.74
N MET A 101 2.72 13.81 4.08
CA MET A 101 1.73 14.12 3.05
C MET A 101 1.35 15.60 2.98
N ASN A 102 1.10 16.11 1.78
CA ASN A 102 0.67 17.49 1.63
C ASN A 102 -0.84 17.45 1.83
N ALA A 103 -1.36 18.37 2.64
CA ALA A 103 -2.81 18.41 2.91
C ALA A 103 -3.75 18.39 1.66
N ALA A 104 -3.30 19.01 0.56
CA ALA A 104 -4.04 19.08 -0.72
C ALA A 104 -4.15 17.71 -1.35
N ASN A 105 -3.30 16.81 -0.86
CA ASN A 105 -3.25 15.45 -1.36
C ASN A 105 -3.92 14.44 -0.45
N VAL A 106 -4.66 14.93 0.55
CA VAL A 106 -5.40 14.03 1.46
C VAL A 106 -6.91 14.34 1.45
N GLY A 107 -7.71 13.38 1.01
CA GLY A 107 -9.14 13.60 0.96
C GLY A 107 -9.82 13.06 2.21
N TRP A 108 -10.80 13.83 2.68
CA TRP A 108 -11.59 13.46 3.86
C TRP A 108 -12.98 14.15 3.89
N ASN A 109 -14.00 13.40 4.28
CA ASN A 109 -15.30 14.03 4.38
C ASN A 109 -15.74 14.80 3.13
N GLY A 110 -15.58 14.17 1.96
CA GLY A 110 -16.02 14.80 0.73
C GLY A 110 -15.15 15.88 0.11
N SER A 111 -14.11 16.31 0.82
CA SER A 111 -13.21 17.34 0.29
C SER A 111 -11.72 16.97 0.58
N THR A 112 -10.82 17.95 0.49
CA THR A 112 -9.41 17.66 0.82
C THR A 112 -9.07 18.53 2.03
N PHE A 113 -7.95 18.25 2.72
CA PHE A 113 -7.56 19.00 3.91
C PHE A 113 -7.07 20.40 3.60
N ALA A 114 -6.81 20.65 2.33
CA ALA A 114 -6.37 21.96 1.88
C ALA A 114 -7.40 23.04 2.27
N PRO B 1 15.64 -2.94 -0.18
CA PRO B 1 14.38 -2.75 -0.93
C PRO B 1 13.22 -3.67 -0.52
N MET B 2 12.01 -3.26 -0.89
CA MET B 2 10.87 -4.11 -0.64
C MET B 2 10.04 -4.17 -1.89
N PHE B 3 9.54 -5.36 -2.19
CA PHE B 3 8.72 -5.58 -3.39
C PHE B 3 7.36 -6.15 -3.00
N ILE B 4 6.29 -5.54 -3.47
CA ILE B 4 4.95 -6.01 -3.14
C ILE B 4 4.16 -6.34 -4.38
N VAL B 5 3.47 -7.47 -4.37
CA VAL B 5 2.67 -7.87 -5.51
C VAL B 5 1.25 -8.16 -5.04
N ASN B 6 0.29 -7.41 -5.56
CA ASN B 6 -1.12 -7.67 -5.26
C ASN B 6 -1.73 -8.26 -6.55
N THR B 7 -2.38 -9.41 -6.43
CA THR B 7 -2.93 -10.03 -7.61
C THR B 7 -4.25 -10.76 -7.34
N ASN B 8 -5.07 -10.89 -8.37
CA ASN B 8 -6.30 -11.62 -8.23
C ASN B 8 -6.07 -13.13 -8.56
N VAL B 9 -4.84 -13.52 -8.87
CA VAL B 9 -4.51 -14.92 -9.12
C VAL B 9 -4.65 -15.68 -7.78
N PRO B 10 -5.20 -16.92 -7.79
CA PRO B 10 -5.37 -17.71 -6.56
C PRO B 10 -4.07 -18.12 -5.95
N ARG B 11 -4.12 -18.22 -4.63
CA ARG B 11 -2.94 -18.59 -3.87
C ARG B 11 -2.33 -19.87 -4.40
N ALA B 12 -3.17 -20.85 -4.75
CA ALA B 12 -2.64 -22.13 -5.19
C ALA B 12 -1.89 -22.01 -6.50
N SER B 13 -1.95 -20.84 -7.14
CA SER B 13 -1.25 -20.64 -8.42
C SER B 13 0.15 -20.07 -8.25
N VAL B 14 0.46 -19.68 -7.02
CA VAL B 14 1.75 -19.12 -6.71
C VAL B 14 2.71 -20.27 -6.45
N PRO B 15 3.75 -20.44 -7.30
CA PRO B 15 4.72 -21.55 -7.12
C PRO B 15 5.43 -21.50 -5.77
N GLU B 16 5.76 -22.67 -5.23
CA GLU B 16 6.42 -22.77 -3.91
C GLU B 16 7.60 -21.81 -3.58
N GLY B 17 8.62 -21.78 -4.44
CA GLY B 17 9.76 -20.92 -4.18
C GLY B 17 9.73 -19.54 -4.84
N PHE B 18 8.52 -19.05 -5.11
CA PHE B 18 8.36 -17.77 -5.76
C PHE B 18 8.97 -16.57 -4.99
N LEU B 19 8.73 -16.50 -3.69
CA LEU B 19 9.24 -15.38 -2.91
C LEU B 19 10.74 -15.42 -2.83
N SER B 20 11.27 -16.64 -2.76
CA SER B 20 12.70 -16.83 -2.74
C SER B 20 13.27 -16.43 -4.15
N GLU B 21 12.58 -16.82 -5.22
CA GLU B 21 13.05 -16.46 -6.55
C GLU B 21 13.08 -14.93 -6.77
N LEU B 22 12.00 -14.28 -6.34
CA LEU B 22 11.90 -12.82 -6.44
C LEU B 22 13.06 -12.15 -5.63
N THR B 23 13.38 -12.70 -4.45
CA THR B 23 14.47 -12.21 -3.62
C THR B 23 15.80 -12.25 -4.40
N GLN B 24 16.10 -13.38 -5.03
CA GLN B 24 17.36 -13.51 -5.78
C GLN B 24 17.39 -12.59 -6.94
N GLN B 25 16.25 -12.55 -7.63
CA GLN B 25 16.14 -11.81 -8.88
C GLN B 25 16.27 -10.33 -8.64
N LEU B 26 15.69 -9.92 -7.53
CA LEU B 26 15.78 -8.53 -7.13
C LEU B 26 17.21 -8.15 -6.68
N ALA B 27 17.83 -9.04 -5.91
CA ALA B 27 19.17 -8.80 -5.42
C ALA B 27 20.06 -8.54 -6.64
N GLN B 28 19.89 -9.40 -7.63
CA GLN B 28 20.64 -9.34 -8.88
C GLN B 28 20.42 -8.03 -9.65
N ALA B 29 19.16 -7.67 -9.85
CA ALA B 29 18.79 -6.51 -10.61
C ALA B 29 19.23 -5.21 -9.97
N THR B 30 19.03 -5.10 -8.67
CA THR B 30 19.32 -3.86 -7.94
C THR B 30 20.69 -3.72 -7.37
N GLY B 31 21.36 -4.85 -7.24
CA GLY B 31 22.71 -4.88 -6.72
C GLY B 31 22.64 -4.84 -5.21
N LYS B 32 21.44 -4.90 -4.65
CA LYS B 32 21.33 -4.89 -3.19
C LYS B 32 21.44 -6.29 -2.62
N PRO B 33 22.08 -6.44 -1.44
CA PRO B 33 22.24 -7.75 -0.81
C PRO B 33 20.86 -8.30 -0.44
N ALA B 34 20.65 -9.59 -0.67
CA ALA B 34 19.42 -10.29 -0.38
C ALA B 34 18.97 -10.07 1.07
N GLN B 35 19.93 -9.88 1.96
CA GLN B 35 19.68 -9.67 3.38
C GLN B 35 18.75 -8.49 3.58
N TYR B 36 18.77 -7.51 2.67
CA TYR B 36 17.96 -6.29 2.80
C TYR B 36 16.71 -6.30 1.96
N ILE B 37 16.43 -7.44 1.32
CA ILE B 37 15.26 -7.52 0.46
C ILE B 37 14.07 -8.17 1.12
N ALA B 38 12.95 -7.44 1.13
CA ALA B 38 11.68 -7.94 1.68
C ALA B 38 10.69 -8.13 0.50
N VAL B 39 9.98 -9.26 0.49
CA VAL B 39 9.00 -9.57 -0.57
C VAL B 39 7.66 -9.91 0.06
N HIS B 40 6.59 -9.33 -0.48
CA HIS B 40 5.24 -9.53 0.04
C HIS B 40 4.32 -9.84 -1.16
N VAL B 41 3.67 -11.00 -1.12
CA VAL B 41 2.78 -11.40 -2.21
C VAL B 41 1.37 -11.55 -1.64
N VAL B 42 0.39 -10.92 -2.28
CA VAL B 42 -1.01 -10.97 -1.82
C VAL B 42 -1.91 -11.48 -2.98
N PRO B 43 -2.26 -12.81 -3.00
CA PRO B 43 -3.11 -13.41 -4.03
C PRO B 43 -4.56 -13.31 -3.62
N ASP B 44 -5.43 -13.88 -4.44
CA ASP B 44 -6.88 -13.93 -4.18
C ASP B 44 -7.50 -12.55 -3.95
N GLN B 45 -6.97 -11.50 -4.61
CA GLN B 45 -7.50 -10.15 -4.42
C GLN B 45 -8.64 -9.83 -5.34
N LEU B 46 -9.55 -9.00 -4.86
CA LEU B 46 -10.68 -8.55 -5.62
C LEU B 46 -10.21 -7.30 -6.39
N MET B 47 -9.86 -7.50 -7.66
CA MET B 47 -9.39 -6.40 -8.47
C MET B 47 -9.73 -6.56 -9.93
N THR B 48 -9.85 -5.43 -10.61
CA THR B 48 -10.14 -5.40 -12.03
C THR B 48 -9.10 -4.52 -12.67
N PHE B 49 -8.84 -4.79 -13.92
CA PHE B 49 -7.89 -4.05 -14.74
C PHE B 49 -8.64 -3.88 -16.08
N SER B 50 -8.80 -2.63 -16.53
CA SER B 50 -9.54 -2.34 -17.76
C SER B 50 -11.03 -2.74 -17.60
N GLY B 51 -11.49 -2.87 -16.36
CA GLY B 51 -12.88 -3.23 -16.13
C GLY B 51 -13.12 -4.74 -16.11
N THR B 52 -12.08 -5.53 -16.33
CA THR B 52 -12.25 -6.99 -16.35
C THR B 52 -11.49 -7.72 -15.24
N ASN B 53 -12.00 -8.89 -14.90
CA ASN B 53 -11.46 -9.71 -13.84
C ASN B 53 -10.41 -10.70 -14.29
N ASP B 54 -9.89 -10.55 -15.51
CA ASP B 54 -8.82 -11.43 -16.01
C ASP B 54 -7.59 -11.21 -15.11
N PRO B 55 -6.67 -12.17 -15.07
CA PRO B 55 -5.50 -12.00 -14.22
C PRO B 55 -4.77 -10.69 -14.39
N CYS B 56 -4.46 -10.02 -13.30
CA CYS B 56 -3.75 -8.75 -13.40
C CYS B 56 -2.92 -8.67 -12.13
N ALA B 57 -2.05 -7.69 -12.05
CA ALA B 57 -1.22 -7.52 -10.86
C ALA B 57 -0.89 -6.05 -10.62
N LEU B 58 -0.87 -5.59 -9.38
CA LEU B 58 -0.50 -4.19 -9.10
C LEU B 58 0.66 -4.40 -8.17
N CYS B 59 1.84 -3.90 -8.55
CA CYS B 59 3.03 -4.02 -7.71
C CYS B 59 3.72 -2.70 -7.34
N SER B 60 4.62 -2.78 -6.36
CA SER B 60 5.39 -1.63 -5.88
C SER B 60 6.77 -2.09 -5.54
N LEU B 61 7.76 -1.30 -5.92
CA LEU B 61 9.16 -1.60 -5.58
C LEU B 61 9.65 -0.33 -4.89
N HIS B 62 10.14 -0.45 -3.66
CA HIS B 62 10.65 0.69 -2.92
C HIS B 62 12.11 0.37 -2.73
N SER B 63 12.96 1.36 -2.93
CA SER B 63 14.40 1.18 -2.76
C SER B 63 15.02 2.52 -2.35
N ILE B 64 16.15 2.47 -1.67
CA ILE B 64 16.86 3.72 -1.35
C ILE B 64 17.92 3.74 -2.50
N GLY B 65 17.67 4.54 -3.54
CA GLY B 65 18.60 4.53 -4.66
C GLY B 65 18.26 3.43 -5.67
N LYS B 66 19.05 3.33 -6.74
CA LYS B 66 18.85 2.34 -7.81
C LYS B 66 17.51 2.53 -8.50
N ILE B 67 16.94 3.72 -8.39
CA ILE B 67 15.68 3.97 -9.06
C ILE B 67 15.95 5.09 -10.08
N GLY B 68 15.54 4.89 -11.34
CA GLY B 68 15.74 5.93 -12.33
C GLY B 68 14.99 5.55 -13.59
N GLY B 69 14.90 6.49 -14.53
CA GLY B 69 14.23 6.23 -15.79
C GLY B 69 14.65 4.95 -16.51
N ALA B 70 15.96 4.77 -16.73
CA ALA B 70 16.49 3.60 -17.42
C ALA B 70 16.44 2.32 -16.59
N GLN B 71 16.83 2.40 -15.32
CA GLN B 71 16.77 1.25 -14.42
C GLN B 71 15.34 0.69 -14.28
N ASN B 72 14.34 1.58 -14.21
CA ASN B 72 12.91 1.22 -14.06
C ASN B 72 12.37 0.49 -15.28
N ARG B 73 12.85 0.89 -16.47
CA ARG B 73 12.45 0.22 -17.71
C ARG B 73 13.02 -1.17 -17.65
N ASN B 74 14.24 -1.30 -17.15
CA ASN B 74 14.86 -2.60 -17.03
C ASN B 74 14.13 -3.50 -16.02
N TYR B 75 13.87 -2.95 -14.83
CA TYR B 75 13.15 -3.69 -13.79
C TYR B 75 11.83 -4.16 -14.31
N SER B 76 11.15 -3.30 -15.07
CA SER B 76 9.86 -3.67 -15.58
C SER B 76 9.90 -4.86 -16.54
N LYS B 77 10.89 -4.91 -17.42
CA LYS B 77 11.02 -6.03 -18.34
C LYS B 77 11.25 -7.29 -17.49
N LEU B 78 12.22 -7.25 -16.60
CA LEU B 78 12.47 -8.41 -15.80
C LEU B 78 11.23 -8.83 -15.01
N LEU B 79 10.67 -7.89 -14.28
CA LEU B 79 9.54 -8.20 -13.42
C LEU B 79 8.30 -8.64 -14.18
N CYS B 80 7.98 -8.02 -15.31
CA CYS B 80 6.81 -8.44 -16.06
C CYS B 80 7.08 -9.86 -16.64
N GLY B 81 8.36 -10.14 -16.88
CA GLY B 81 8.75 -11.42 -17.41
C GLY B 81 8.48 -12.55 -16.44
N LEU B 82 8.90 -12.33 -15.19
CA LEU B 82 8.72 -13.33 -14.14
C LEU B 82 7.26 -13.60 -13.85
N LEU B 83 6.44 -12.54 -13.79
CA LEU B 83 5.00 -12.60 -13.52
C LEU B 83 4.22 -13.29 -14.63
N SER B 84 4.65 -13.13 -15.88
CA SER B 84 4.05 -13.81 -16.99
C SER B 84 4.40 -15.32 -16.93
N ASP B 85 5.66 -15.59 -16.76
CA ASP B 85 6.13 -16.98 -16.74
C ASP B 85 5.66 -17.77 -15.58
N ARG B 86 5.76 -17.17 -14.39
CA ARG B 86 5.37 -17.86 -13.17
C ARG B 86 3.89 -17.81 -12.79
N LEU B 87 3.25 -16.68 -12.94
CA LEU B 87 1.85 -16.59 -12.55
C LEU B 87 0.89 -16.49 -13.76
N HIS B 88 1.45 -16.48 -14.98
CA HIS B 88 0.72 -16.40 -16.23
C HIS B 88 -0.12 -15.17 -16.36
N ILE B 89 0.40 -14.03 -15.89
CA ILE B 89 -0.30 -12.75 -15.98
C ILE B 89 0.30 -11.99 -17.19
N SER B 90 -0.58 -11.53 -18.08
CA SER B 90 -0.15 -10.77 -19.23
C SER B 90 0.51 -9.46 -18.79
N PRO B 91 1.68 -9.14 -19.37
CA PRO B 91 2.43 -7.90 -19.05
C PRO B 91 1.65 -6.61 -19.23
N ASP B 92 0.66 -6.60 -20.12
CA ASP B 92 -0.13 -5.39 -20.29
C ASP B 92 -1.24 -5.30 -19.21
N ARG B 93 -1.25 -6.26 -18.26
CA ARG B 93 -2.21 -6.27 -17.15
C ARG B 93 -1.47 -6.18 -15.78
N VAL B 94 -0.30 -5.55 -15.84
CA VAL B 94 0.57 -5.35 -14.70
C VAL B 94 1.00 -3.89 -14.57
N TYR B 95 0.82 -3.32 -13.37
CA TYR B 95 1.35 -1.99 -13.09
C TYR B 95 2.41 -2.20 -11.98
N ILE B 96 3.54 -1.49 -12.09
CA ILE B 96 4.57 -1.53 -11.06
C ILE B 96 4.88 -0.08 -10.68
N ASN B 97 4.65 0.33 -9.44
CA ASN B 97 4.96 1.69 -9.03
C ASN B 97 6.37 1.66 -8.45
N TYR B 98 7.22 2.61 -8.84
CA TYR B 98 8.60 2.65 -8.32
C TYR B 98 8.80 3.82 -7.36
N TYR B 99 9.47 3.59 -6.25
CA TYR B 99 9.68 4.66 -5.28
C TYR B 99 11.14 4.72 -4.83
N ASP B 100 11.73 5.88 -5.00
CA ASP B 100 13.08 6.08 -4.54
C ASP B 100 12.90 6.69 -3.16
N MET B 101 13.30 5.97 -2.12
CA MET B 101 13.11 6.45 -0.76
C MET B 101 14.34 7.12 -0.19
N ASN B 102 14.12 8.22 0.54
CA ASN B 102 15.20 8.91 1.23
C ASN B 102 15.53 8.02 2.45
N ALA B 103 16.82 7.81 2.71
CA ALA B 103 17.32 6.98 3.80
C ALA B 103 16.71 7.40 5.12
N ALA B 104 16.46 8.70 5.30
CA ALA B 104 15.88 9.21 6.54
C ALA B 104 14.42 8.78 6.72
N ASN B 105 13.76 8.39 5.63
CA ASN B 105 12.33 7.99 5.64
C ASN B 105 12.08 6.49 5.61
N VAL B 106 13.12 5.74 5.94
CA VAL B 106 13.02 4.28 5.99
C VAL B 106 13.56 3.80 7.34
N GLY B 107 12.66 3.30 8.18
CA GLY B 107 13.00 2.78 9.50
C GLY B 107 13.33 1.30 9.40
N TRP B 108 14.32 0.90 10.19
CA TRP B 108 14.75 -0.49 10.24
C TRP B 108 15.54 -0.66 11.54
N ASN B 109 15.37 -1.82 12.18
CA ASN B 109 16.13 -2.14 13.36
C ASN B 109 16.06 -1.06 14.46
N GLY B 110 14.87 -0.50 14.69
CA GLY B 110 14.68 0.51 15.72
C GLY B 110 15.26 1.89 15.45
N SER B 111 15.69 2.16 14.22
CA SER B 111 16.25 3.45 13.84
C SER B 111 15.93 3.69 12.36
N THR B 112 16.66 4.59 11.71
CA THR B 112 16.48 4.79 10.28
C THR B 112 17.89 4.65 9.65
N PHE B 113 17.90 4.55 8.33
CA PHE B 113 19.14 4.43 7.59
C PHE B 113 20.00 5.72 7.49
N ALA B 114 19.47 6.86 7.96
CA ALA B 114 20.18 8.16 7.88
C ALA B 114 20.99 8.32 9.13
N PRO C 1 -4.49 5.15 -14.26
CA PRO C 1 -4.59 5.39 -12.82
C PRO C 1 -4.98 4.12 -12.04
N MET C 2 -4.74 4.11 -10.73
CA MET C 2 -5.14 2.96 -9.92
C MET C 2 -5.75 3.42 -8.65
N PHE C 3 -6.81 2.71 -8.28
CA PHE C 3 -7.55 3.04 -7.08
C PHE C 3 -7.65 1.85 -6.11
N ILE C 4 -7.27 2.12 -4.88
CA ILE C 4 -7.27 1.08 -3.87
C ILE C 4 -8.14 1.43 -2.69
N VAL C 5 -8.96 0.48 -2.25
CA VAL C 5 -9.79 0.75 -1.12
C VAL C 5 -9.63 -0.32 -0.09
N ASN C 6 -9.24 0.06 1.12
CA ASN C 6 -9.14 -0.89 2.21
C ASN C 6 -10.23 -0.51 3.22
N THR C 7 -11.04 -1.49 3.65
CA THR C 7 -12.15 -1.22 4.57
C THR C 7 -12.45 -2.42 5.48
N ASN C 8 -13.05 -2.13 6.62
CA ASN C 8 -13.40 -3.17 7.57
C ASN C 8 -14.79 -3.74 7.27
N VAL C 9 -15.45 -3.15 6.26
CA VAL C 9 -16.76 -3.58 5.79
C VAL C 9 -16.63 -5.01 5.20
N PRO C 10 -17.49 -5.96 5.63
CA PRO C 10 -17.42 -7.34 5.12
C PRO C 10 -17.58 -7.47 3.61
N ARG C 11 -16.98 -8.53 3.07
CA ARG C 11 -17.04 -8.77 1.65
C ARG C 11 -18.48 -8.86 1.15
N ALA C 12 -19.32 -9.52 1.93
CA ALA C 12 -20.71 -9.72 1.59
C ALA C 12 -21.42 -8.40 1.33
N SER C 13 -20.93 -7.31 1.89
CA SER C 13 -21.60 -6.05 1.67
C SER C 13 -21.11 -5.31 0.43
N VAL C 14 -20.02 -5.75 -0.15
CA VAL C 14 -19.55 -5.06 -1.35
C VAL C 14 -20.43 -5.50 -2.48
N PRO C 15 -21.17 -4.53 -3.07
CA PRO C 15 -22.09 -4.79 -4.21
C PRO C 15 -21.38 -5.47 -5.35
N GLU C 16 -22.08 -6.34 -6.06
CA GLU C 16 -21.49 -7.09 -7.16
C GLU C 16 -20.84 -6.26 -8.28
N GLY C 17 -21.50 -5.18 -8.70
CA GLY C 17 -20.91 -4.37 -9.77
C GLY C 17 -20.07 -3.16 -9.37
N PHE C 18 -19.73 -3.13 -8.10
CA PHE C 18 -18.98 -2.08 -7.49
C PHE C 18 -17.65 -1.72 -8.17
N LEU C 19 -16.86 -2.72 -8.54
CA LEU C 19 -15.57 -2.43 -9.19
C LEU C 19 -15.71 -1.88 -10.60
N SER C 20 -16.69 -2.41 -11.32
CA SER C 20 -16.95 -1.99 -12.66
C SER C 20 -17.51 -0.55 -12.55
N GLU C 21 -18.32 -0.31 -11.52
CA GLU C 21 -18.86 1.03 -11.35
C GLU C 21 -17.75 2.04 -11.10
N LEU C 22 -16.83 1.67 -10.21
CA LEU C 22 -15.70 2.56 -9.89
C LEU C 22 -14.86 2.81 -11.15
N THR C 23 -14.72 1.79 -11.97
CA THR C 23 -13.95 1.95 -13.19
C THR C 23 -14.60 3.02 -14.08
N GLN C 24 -15.92 2.90 -14.26
CA GLN C 24 -16.65 3.83 -15.11
C GLN C 24 -16.52 5.21 -14.57
N GLN C 25 -16.83 5.37 -13.27
CA GLN C 25 -16.81 6.66 -12.55
C GLN C 25 -15.46 7.35 -12.58
N LEU C 26 -14.41 6.58 -12.40
CA LEU C 26 -13.07 7.17 -12.44
C LEU C 26 -12.67 7.63 -13.87
N ALA C 27 -13.06 6.85 -14.89
CA ALA C 27 -12.77 7.17 -16.28
C ALA C 27 -13.31 8.56 -16.56
N GLN C 28 -14.58 8.77 -16.21
CA GLN C 28 -15.27 10.04 -16.40
C GLN C 28 -14.58 11.15 -15.62
N ALA C 29 -14.33 10.91 -14.34
CA ALA C 29 -13.72 11.94 -13.49
C ALA C 29 -12.28 12.35 -13.79
N THR C 30 -11.44 11.40 -14.24
CA THR C 30 -10.03 11.71 -14.54
C THR C 30 -9.81 11.90 -16.03
N GLY C 31 -10.84 11.55 -16.80
CA GLY C 31 -10.74 11.71 -18.21
C GLY C 31 -9.77 10.72 -18.81
N LYS C 32 -9.49 9.65 -18.09
CA LYS C 32 -8.58 8.64 -18.62
C LYS C 32 -9.40 7.51 -19.18
N PRO C 33 -8.86 6.83 -20.19
CA PRO C 33 -9.61 5.71 -20.78
C PRO C 33 -9.77 4.60 -19.74
N ALA C 34 -10.93 3.94 -19.73
CA ALA C 34 -11.18 2.85 -18.77
C ALA C 34 -10.18 1.71 -18.94
N GLN C 35 -9.56 1.65 -20.11
CA GLN C 35 -8.60 0.59 -20.38
C GLN C 35 -7.37 0.70 -19.47
N TYR C 36 -7.04 1.90 -19.02
CA TYR C 36 -5.88 2.11 -18.17
C TYR C 36 -6.18 2.20 -16.65
N ILE C 37 -7.44 1.95 -16.30
CA ILE C 37 -7.86 2.01 -14.91
C ILE C 37 -7.85 0.66 -14.21
N ALA C 38 -7.23 0.67 -13.05
CA ALA C 38 -7.16 -0.54 -12.25
C ALA C 38 -7.77 -0.23 -10.90
N VAL C 39 -8.60 -1.15 -10.42
CA VAL C 39 -9.29 -0.98 -9.16
C VAL C 39 -9.01 -2.17 -8.26
N HIS C 40 -8.78 -1.88 -6.97
CA HIS C 40 -8.46 -2.91 -5.98
C HIS C 40 -9.24 -2.62 -4.69
N VAL C 41 -10.07 -3.57 -4.33
CA VAL C 41 -10.91 -3.39 -3.14
C VAL C 41 -10.57 -4.49 -2.15
N VAL C 42 -10.21 -4.07 -0.94
CA VAL C 42 -9.87 -4.98 0.17
C VAL C 42 -10.83 -4.87 1.37
N PRO C 43 -11.82 -5.77 1.44
CA PRO C 43 -12.78 -5.73 2.54
C PRO C 43 -12.35 -6.60 3.71
N ASP C 44 -13.14 -6.62 4.78
CA ASP C 44 -12.87 -7.46 5.95
C ASP C 44 -11.56 -7.11 6.67
N GLN C 45 -11.14 -5.86 6.57
CA GLN C 45 -9.88 -5.50 7.20
C GLN C 45 -10.01 -5.14 8.66
N LEU C 46 -8.94 -5.42 9.39
CA LEU C 46 -8.85 -5.08 10.79
C LEU C 46 -8.36 -3.61 10.88
N MET C 47 -9.28 -2.66 11.00
CA MET C 47 -8.89 -1.26 11.11
C MET C 47 -9.68 -0.41 12.10
N THR C 48 -9.08 0.68 12.56
CA THR C 48 -9.74 1.63 13.43
C THR C 48 -9.50 3.01 12.84
N PHE C 49 -10.42 3.91 13.16
CA PHE C 49 -10.40 5.27 12.67
C PHE C 49 -10.95 6.04 13.85
N SER C 50 -10.11 6.93 14.37
CA SER C 50 -10.44 7.75 15.53
C SER C 50 -10.57 6.80 16.72
N GLY C 51 -9.90 5.65 16.66
CA GLY C 51 -9.95 4.74 17.79
C GLY C 51 -11.14 3.82 17.86
N THR C 52 -12.08 3.95 16.93
CA THR C 52 -13.26 3.07 16.92
C THR C 52 -13.25 2.15 15.72
N ASN C 53 -13.93 1.00 15.86
CA ASN C 53 -14.01 0.03 14.77
C ASN C 53 -15.27 0.15 13.93
N ASP C 54 -15.83 1.34 13.91
CA ASP C 54 -17.00 1.57 13.08
C ASP C 54 -16.50 1.53 11.64
N PRO C 55 -17.43 1.33 10.68
CA PRO C 55 -17.03 1.28 9.27
C PRO C 55 -16.22 2.49 8.87
N CYS C 56 -15.09 2.19 8.22
CA CYS C 56 -14.19 3.22 7.71
C CYS C 56 -13.53 2.66 6.46
N ALA C 57 -12.78 3.52 5.78
CA ALA C 57 -12.03 3.17 4.60
C ALA C 57 -10.79 4.04 4.50
N LEU C 58 -9.68 3.43 4.07
CA LEU C 58 -8.38 4.08 3.79
C LEU C 58 -8.17 3.75 2.30
N CYS C 59 -8.18 4.81 1.49
CA CYS C 59 -8.05 4.76 0.04
C CYS C 59 -6.80 5.43 -0.56
N SER C 60 -6.48 5.05 -1.80
CA SER C 60 -5.34 5.64 -2.48
C SER C 60 -5.67 5.77 -3.93
N LEU C 61 -5.37 6.93 -4.49
CA LEU C 61 -5.58 7.15 -5.91
C LEU C 61 -4.24 7.55 -6.51
N HIS C 62 -3.68 6.72 -7.39
CA HIS C 62 -2.41 7.04 -8.08
C HIS C 62 -2.72 7.39 -9.53
N SER C 63 -2.13 8.46 -10.02
CA SER C 63 -2.40 8.84 -11.42
C SER C 63 -1.19 9.55 -11.98
N ILE C 64 -1.00 9.44 -13.30
CA ILE C 64 0.06 10.22 -13.93
C ILE C 64 -0.70 11.50 -14.39
N GLY C 65 -0.51 12.58 -13.63
CA GLY C 65 -1.20 13.84 -13.92
C GLY C 65 -2.66 13.77 -13.45
N LYS C 66 -3.41 14.85 -13.71
CA LYS C 66 -4.82 14.98 -13.33
C LYS C 66 -4.97 15.01 -11.81
N ILE C 67 -3.87 15.24 -11.09
CA ILE C 67 -3.86 15.29 -9.63
C ILE C 67 -3.54 16.73 -9.22
N GLY C 68 -4.31 17.28 -8.30
CA GLY C 68 -4.03 18.65 -7.89
C GLY C 68 -5.15 19.21 -7.02
N GLY C 69 -4.85 20.34 -6.34
CA GLY C 69 -5.78 21.03 -5.44
C GLY C 69 -7.24 20.94 -5.75
N ALA C 70 -7.65 21.46 -6.90
CA ALA C 70 -9.06 21.43 -7.26
C ALA C 70 -9.52 20.03 -7.67
N GLN C 71 -8.73 19.37 -8.50
CA GLN C 71 -9.10 18.04 -8.98
C GLN C 71 -9.33 17.07 -7.87
N ASN C 72 -8.46 17.12 -6.85
CA ASN C 72 -8.54 16.22 -5.68
C ASN C 72 -9.80 16.51 -4.88
N ARG C 73 -10.15 17.79 -4.77
CA ARG C 73 -11.37 18.14 -4.06
C ARG C 73 -12.53 17.46 -4.78
N ASN C 74 -12.59 17.53 -6.11
CA ASN C 74 -13.66 16.86 -6.87
C ASN C 74 -13.64 15.32 -6.79
N TYR C 75 -12.44 14.73 -6.77
CA TYR C 75 -12.34 13.28 -6.63
C TYR C 75 -12.92 12.85 -5.27
N SER C 76 -12.62 13.61 -4.19
CA SER C 76 -13.10 13.29 -2.81
C SER C 76 -14.62 13.30 -2.64
N LYS C 77 -15.27 14.30 -3.23
CA LYS C 77 -16.74 14.40 -3.22
C LYS C 77 -17.30 13.16 -3.94
N LEU C 78 -16.77 12.85 -5.13
CA LEU C 78 -17.25 11.71 -5.90
C LEU C 78 -17.03 10.37 -5.21
N LEU C 79 -15.82 10.19 -4.73
CA LEU C 79 -15.45 8.97 -4.08
C LEU C 79 -16.13 8.79 -2.75
N CYS C 80 -16.15 9.84 -1.93
CA CYS C 80 -16.83 9.66 -0.65
C CYS C 80 -18.33 9.37 -0.87
N GLY C 81 -18.90 10.00 -1.92
CA GLY C 81 -20.28 9.81 -2.29
C GLY C 81 -20.53 8.35 -2.61
N LEU C 82 -19.71 7.78 -3.48
CA LEU C 82 -19.84 6.37 -3.85
C LEU C 82 -19.69 5.36 -2.68
N LEU C 83 -18.75 5.61 -1.75
CA LEU C 83 -18.50 4.70 -0.60
C LEU C 83 -19.61 4.73 0.40
N SER C 84 -20.09 5.92 0.60
CA SER C 84 -21.22 6.23 1.45
C SER C 84 -22.51 5.47 0.94
N ASP C 85 -22.83 5.65 -0.33
CA ASP C 85 -24.05 5.03 -0.92
C ASP C 85 -23.93 3.55 -1.12
N ARG C 86 -22.80 3.08 -1.64
CA ARG C 86 -22.65 1.65 -1.89
C ARG C 86 -22.21 0.81 -0.69
N LEU C 87 -21.25 1.32 0.09
CA LEU C 87 -20.76 0.54 1.24
C LEU C 87 -21.30 1.05 2.57
N HIS C 88 -21.99 2.19 2.53
CA HIS C 88 -22.55 2.73 3.74
C HIS C 88 -21.49 3.11 4.75
N ILE C 89 -20.43 3.77 4.26
CA ILE C 89 -19.40 4.22 5.15
C ILE C 89 -19.58 5.72 5.17
N SER C 90 -19.51 6.26 6.39
CA SER C 90 -19.65 7.69 6.58
C SER C 90 -18.46 8.40 5.97
N PRO C 91 -18.75 9.48 5.24
CA PRO C 91 -17.74 10.28 4.57
C PRO C 91 -16.60 10.79 5.47
N ASP C 92 -16.89 11.04 6.75
CA ASP C 92 -15.88 11.53 7.67
C ASP C 92 -15.08 10.38 8.36
N ARG C 93 -15.27 9.16 7.85
CA ARG C 93 -14.50 8.03 8.34
C ARG C 93 -13.76 7.44 7.13
N VAL C 94 -13.40 8.32 6.20
CA VAL C 94 -12.68 7.92 4.99
C VAL C 94 -11.50 8.87 4.78
N TYR C 95 -10.33 8.30 4.47
CA TYR C 95 -9.13 9.10 4.14
C TYR C 95 -8.73 8.62 2.75
N ILE C 96 -8.44 9.56 1.84
CA ILE C 96 -7.98 9.18 0.51
C ILE C 96 -6.62 9.84 0.26
N ASN C 97 -5.61 9.03 -0.07
CA ASN C 97 -4.29 9.59 -0.34
C ASN C 97 -4.21 9.74 -1.85
N TYR C 98 -3.77 10.92 -2.30
CA TYR C 98 -3.64 11.17 -3.73
C TYR C 98 -2.17 11.21 -4.05
N TYR C 99 -1.81 10.55 -5.14
CA TYR C 99 -0.44 10.48 -5.62
C TYR C 99 -0.36 10.78 -7.12
N ASP C 100 0.45 11.76 -7.41
CA ASP C 100 0.70 12.13 -8.78
C ASP C 100 2.03 11.40 -9.09
N MET C 101 1.97 10.39 -9.95
CA MET C 101 3.19 9.66 -10.29
C MET C 101 3.87 10.20 -11.56
N ASN C 102 5.20 10.23 -11.56
CA ASN C 102 5.94 10.61 -12.76
C ASN C 102 5.90 9.38 -13.72
N ALA C 103 5.68 9.62 -15.01
CA ALA C 103 5.61 8.55 -15.99
C ALA C 103 6.82 7.58 -15.95
N ALA C 104 8.00 8.10 -15.63
CA ALA C 104 9.17 7.22 -15.55
C ALA C 104 9.12 6.28 -14.38
N ASN C 105 8.22 6.52 -13.42
CA ASN C 105 8.08 5.71 -12.21
C ASN C 105 6.92 4.71 -12.19
N VAL C 106 6.31 4.55 -13.36
CA VAL C 106 5.23 3.60 -13.54
C VAL C 106 5.56 2.61 -14.65
N GLY C 107 5.73 1.35 -14.27
CA GLY C 107 6.03 0.30 -15.22
C GLY C 107 4.75 -0.37 -15.66
N TRP C 108 4.74 -0.77 -16.93
CA TRP C 108 3.58 -1.42 -17.52
C TRP C 108 3.97 -2.11 -18.83
N ASN C 109 3.48 -3.33 -19.04
CA ASN C 109 3.77 -4.00 -20.28
C ASN C 109 5.25 -4.10 -20.58
N GLY C 110 6.03 -4.45 -19.58
CA GLY C 110 7.45 -4.64 -19.79
C GLY C 110 8.33 -3.42 -19.99
N SER C 111 7.74 -2.22 -19.87
CA SER C 111 8.45 -0.93 -20.00
C SER C 111 7.92 0.10 -18.98
N THR C 112 8.12 1.40 -19.23
CA THR C 112 7.52 2.41 -18.34
C THR C 112 6.65 3.32 -19.20
N PHE C 113 5.99 4.32 -18.61
CA PHE C 113 5.12 5.17 -19.41
C PHE C 113 5.82 6.36 -20.02
N ALA C 114 7.08 6.55 -19.66
CA ALA C 114 7.82 7.66 -20.20
C ALA C 114 8.38 7.20 -21.52
#